data_1HE5
#
_entry.id   1HE5
#
_cell.length_a   40.100
_cell.length_b   49.200
_cell.length_c   106.900
_cell.angle_alpha   90.00
_cell.angle_beta   90.00
_cell.angle_gamma   90.00
#
_symmetry.space_group_name_H-M   'P 21 21 21'
#
loop_
_entity.id
_entity.type
_entity.pdbx_description
1 polymer 'BILIVERDIN IX BETA REDUCTASE'
2 non-polymer 'NADP NICOTINAMIDE-ADENINE-DINUCLEOTIDE PHOSPHATE'
3 non-polymer LUMICHROME
4 water water
#
_entity_poly.entity_id   1
_entity_poly.type   'polypeptide(L)'
_entity_poly.pdbx_seq_one_letter_code
;MAVKKIAIFGATGQTGLTTLAQAVQAGYEVTVLVRDSSRLPSEGPRPAHVVVGDVLQAADVDKTVAGQDAVIVLLGTRND
LSPTTVMSEGARNIVAAMKAHGVDKVVACTSAFLLWDPTKVPPRLQAVTDDHIRMHKVLRESGLKYVAVMPPHIGDQPLT
GAYTVTLDGRGPSRVISKHDLGHFMLRCLTTDEYDGHSTYPSHQYQ
;
_entity_poly.pdbx_strand_id   A
#
# COMPACT_ATOMS: atom_id res chain seq x y z
N MET A 1 6.98 -14.41 15.98
CA MET A 1 5.53 -14.54 15.79
C MET A 1 5.09 -14.01 14.44
N ALA A 2 4.25 -14.76 13.69
CA ALA A 2 4.01 -14.20 12.35
C ALA A 2 2.89 -13.17 12.36
N VAL A 3 2.85 -12.31 11.35
CA VAL A 3 1.71 -11.41 11.18
C VAL A 3 0.45 -12.22 10.93
N LYS A 4 -0.64 -11.96 11.66
CA LYS A 4 -1.91 -12.62 11.36
C LYS A 4 -3.00 -11.60 11.03
N LYS A 5 -3.04 -10.51 11.78
CA LYS A 5 -4.08 -9.50 11.63
C LYS A 5 -3.50 -8.32 10.87
N ILE A 6 -4.15 -7.90 9.79
CA ILE A 6 -3.67 -6.70 9.10
C ILE A 6 -4.82 -5.74 8.80
N ALA A 7 -4.45 -4.46 8.73
CA ALA A 7 -5.35 -3.47 8.16
C ALA A 7 -4.86 -3.16 6.74
N ILE A 8 -5.83 -3.02 5.85
CA ILE A 8 -5.52 -2.50 4.51
C ILE A 8 -6.25 -1.19 4.30
N PHE A 9 -5.48 -0.19 3.88
CA PHE A 9 -6.06 1.11 3.48
C PHE A 9 -6.05 1.17 1.97
N GLY A 10 -7.10 1.68 1.35
CA GLY A 10 -7.22 1.65 -0.10
C GLY A 10 -7.61 0.29 -0.64
N ALA A 11 -8.34 -0.51 0.14
CA ALA A 11 -8.68 -1.85 -0.31
C ALA A 11 -9.69 -1.87 -1.45
N THR A 12 -10.37 -0.76 -1.72
CA THR A 12 -11.37 -0.78 -2.79
C THR A 12 -10.81 -0.34 -4.13
N GLY A 13 -9.54 0.01 -4.15
CA GLY A 13 -8.86 0.44 -5.37
C GLY A 13 -8.43 -0.77 -6.19
N GLN A 14 -7.83 -0.48 -7.33
CA GLN A 14 -7.44 -1.50 -8.29
C GLN A 14 -6.57 -2.56 -7.64
N THR A 15 -5.51 -2.06 -7.01
CA THR A 15 -4.57 -3.00 -6.39
C THR A 15 -5.15 -3.49 -5.06
N GLY A 16 -5.85 -2.58 -4.37
CA GLY A 16 -6.41 -2.95 -3.07
C GLY A 16 -7.33 -4.14 -3.16
N LEU A 17 -8.18 -4.19 -4.19
CA LEU A 17 -9.18 -5.26 -4.20
C LEU A 17 -8.50 -6.63 -4.29
N THR A 18 -7.49 -6.71 -5.19
CA THR A 18 -6.85 -8.01 -5.32
C THR A 18 -5.94 -8.30 -4.13
N THR A 19 -5.30 -7.27 -3.55
CA THR A 19 -4.53 -7.51 -2.33
C THR A 19 -5.41 -8.03 -1.21
N LEU A 20 -6.59 -7.45 -1.05
CA LEU A 20 -7.55 -7.89 -0.05
C LEU A 20 -7.96 -9.33 -0.32
N ALA A 21 -8.38 -9.66 -1.54
CA ALA A 21 -8.79 -11.03 -1.84
C ALA A 21 -7.64 -12.00 -1.57
N GLN A 22 -6.43 -11.67 -2.03
CA GLN A 22 -5.32 -12.57 -1.77
C GLN A 22 -5.02 -12.72 -0.28
N ALA A 23 -5.10 -11.61 0.45
CA ALA A 23 -4.76 -11.66 1.88
C ALA A 23 -5.74 -12.58 2.59
N VAL A 24 -7.03 -12.44 2.25
CA VAL A 24 -8.01 -13.31 2.93
C VAL A 24 -7.79 -14.75 2.54
N GLN A 25 -7.57 -14.98 1.24
CA GLN A 25 -7.36 -16.37 0.82
C GLN A 25 -6.11 -16.95 1.49
N ALA A 26 -5.11 -16.14 1.78
CA ALA A 26 -3.87 -16.60 2.38
C ALA A 26 -4.02 -16.87 3.88
N GLY A 27 -5.13 -16.45 4.49
CA GLY A 27 -5.31 -16.78 5.89
C GLY A 27 -5.20 -15.59 6.82
N TYR A 28 -4.98 -14.38 6.29
CA TYR A 28 -4.88 -13.24 7.20
C TYR A 28 -6.27 -12.85 7.68
N GLU A 29 -6.33 -12.29 8.87
CA GLU A 29 -7.55 -11.70 9.39
C GLU A 29 -7.50 -10.22 9.04
N VAL A 30 -8.32 -9.79 8.08
CA VAL A 30 -8.13 -8.49 7.46
C VAL A 30 -9.22 -7.51 7.87
N THR A 31 -8.78 -6.34 8.27
CA THR A 31 -9.65 -5.19 8.50
C THR A 31 -9.44 -4.17 7.40
N VAL A 32 -10.52 -3.60 6.88
CA VAL A 32 -10.39 -2.56 5.86
C VAL A 32 -11.09 -1.29 6.33
N LEU A 33 -10.57 -0.12 5.94
CA LEU A 33 -11.26 1.14 6.12
C LEU A 33 -11.76 1.59 4.74
N VAL A 34 -13.08 1.75 4.62
CA VAL A 34 -13.60 2.15 3.32
C VAL A 34 -14.60 3.29 3.53
N ARG A 35 -14.62 4.21 2.59
CA ARG A 35 -15.61 5.29 2.66
C ARG A 35 -16.99 4.78 2.29
N ASP A 36 -16.99 3.84 1.37
CA ASP A 36 -18.25 3.37 0.76
C ASP A 36 -18.19 1.87 0.60
N SER A 37 -18.95 1.17 1.44
CA SER A 37 -18.86 -0.29 1.48
C SER A 37 -19.42 -0.95 0.23
N SER A 38 -20.18 -0.23 -0.59
CA SER A 38 -20.68 -0.80 -1.84
C SER A 38 -19.55 -1.04 -2.84
N ARG A 39 -18.37 -0.49 -2.54
CA ARG A 39 -17.24 -0.70 -3.43
C ARG A 39 -16.50 -1.99 -3.10
N LEU A 40 -16.93 -2.69 -2.06
CA LEU A 40 -16.34 -4.00 -1.76
C LEU A 40 -17.15 -5.08 -2.46
N PRO A 41 -16.54 -6.12 -2.98
CA PRO A 41 -17.32 -7.12 -3.69
C PRO A 41 -18.08 -8.07 -2.77
N SER A 42 -19.13 -8.68 -3.29
CA SER A 42 -19.80 -9.78 -2.59
C SER A 42 -19.15 -11.13 -2.93
N GLU A 43 -18.79 -11.35 -4.20
CA GLU A 43 -18.19 -12.65 -4.50
C GLU A 43 -16.74 -12.71 -4.03
N GLY A 44 -16.28 -13.93 -3.85
CA GLY A 44 -14.86 -14.14 -3.55
C GLY A 44 -14.60 -13.91 -2.06
N PRO A 45 -13.32 -13.90 -1.71
CA PRO A 45 -12.93 -13.73 -0.31
C PRO A 45 -13.35 -12.38 0.26
N ARG A 46 -13.69 -12.38 1.56
CA ARG A 46 -14.28 -11.23 2.23
C ARG A 46 -13.46 -10.84 3.45
N PRO A 47 -13.31 -9.55 3.71
CA PRO A 47 -12.53 -9.13 4.88
C PRO A 47 -13.25 -9.56 6.15
N ALA A 48 -12.45 -9.78 7.20
CA ALA A 48 -13.05 -10.15 8.47
C ALA A 48 -13.77 -8.97 9.09
N HIS A 49 -13.27 -7.75 8.90
CA HIS A 49 -13.81 -6.57 9.60
C HIS A 49 -13.81 -5.38 8.62
N VAL A 50 -14.94 -4.68 8.59
CA VAL A 50 -15.05 -3.49 7.73
C VAL A 50 -15.36 -2.28 8.59
N VAL A 51 -14.50 -1.26 8.51
CA VAL A 51 -14.73 0.02 9.17
C VAL A 51 -15.12 1.02 8.09
N VAL A 52 -16.28 1.64 8.26
CA VAL A 52 -16.65 2.69 7.32
C VAL A 52 -16.19 4.04 7.84
N GLY A 53 -15.47 4.75 6.97
CA GLY A 53 -14.92 6.05 7.37
C GLY A 53 -13.83 6.47 6.40
N ASP A 54 -13.04 7.42 6.89
CA ASP A 54 -12.18 8.19 6.00
C ASP A 54 -10.75 8.20 6.55
N VAL A 55 -9.77 7.99 5.69
CA VAL A 55 -8.38 8.00 6.19
C VAL A 55 -7.95 9.37 6.69
N LEU A 56 -8.72 10.41 6.35
CA LEU A 56 -8.41 11.75 6.82
C LEU A 56 -8.99 12.01 8.21
N GLN A 57 -9.76 11.09 8.75
CA GLN A 57 -10.30 11.21 10.11
C GLN A 57 -9.50 10.33 11.06
N ALA A 58 -8.79 10.97 11.98
CA ALA A 58 -7.89 10.22 12.85
C ALA A 58 -8.64 9.12 13.57
N ALA A 59 -9.85 9.41 14.02
CA ALA A 59 -10.54 8.40 14.83
C ALA A 59 -10.91 7.18 13.99
N ASP A 60 -11.17 7.41 12.70
CA ASP A 60 -11.52 6.26 11.85
C ASP A 60 -10.28 5.38 11.63
N VAL A 61 -9.15 6.07 11.44
CA VAL A 61 -7.90 5.36 11.22
C VAL A 61 -7.55 4.56 12.47
N ASP A 62 -7.76 5.23 13.62
CA ASP A 62 -7.42 4.60 14.89
C ASP A 62 -8.19 3.29 15.06
N LYS A 63 -9.48 3.29 14.78
CA LYS A 63 -10.35 2.14 14.92
C LYS A 63 -9.89 1.00 14.01
N THR A 64 -9.28 1.37 12.89
CA THR A 64 -8.87 0.39 11.89
C THR A 64 -7.54 -0.25 12.27
N VAL A 65 -6.65 0.56 12.85
CA VAL A 65 -5.29 0.10 13.16
C VAL A 65 -5.25 -0.64 14.48
N ALA A 66 -6.20 -0.37 15.37
CA ALA A 66 -6.22 -1.04 16.67
C ALA A 66 -6.17 -2.55 16.52
N GLY A 67 -5.22 -3.16 17.23
CA GLY A 67 -5.20 -4.61 17.32
C GLY A 67 -4.46 -5.26 16.18
N GLN A 68 -3.95 -4.51 15.21
CA GLN A 68 -3.35 -5.19 14.05
C GLN A 68 -1.90 -5.56 14.31
N ASP A 69 -1.40 -6.46 13.47
CA ASP A 69 0.02 -6.80 13.48
C ASP A 69 0.79 -5.99 12.44
N ALA A 70 0.13 -5.59 11.36
CA ALA A 70 0.80 -4.84 10.29
C ALA A 70 -0.24 -4.08 9.49
N VAL A 71 0.26 -3.13 8.71
CA VAL A 71 -0.62 -2.29 7.89
C VAL A 71 -0.12 -2.29 6.44
N ILE A 72 -1.05 -2.43 5.52
CA ILE A 72 -0.79 -2.24 4.09
C ILE A 72 -1.50 -0.98 3.61
N VAL A 73 -0.74 -0.15 2.90
CA VAL A 73 -1.25 1.13 2.41
C VAL A 73 -1.26 1.14 0.89
N LEU A 74 -2.47 1.21 0.35
CA LEU A 74 -2.71 1.25 -1.08
C LEU A 74 -3.66 2.39 -1.40
N LEU A 75 -3.47 3.48 -0.64
CA LEU A 75 -4.19 4.71 -0.94
C LEU A 75 -3.80 5.28 -2.29
N GLY A 76 -4.75 6.03 -2.87
CA GLY A 76 -4.46 6.71 -4.14
C GLY A 76 -5.60 7.68 -4.42
N THR A 77 -5.49 8.40 -5.52
CA THR A 77 -6.47 9.41 -5.90
C THR A 77 -7.31 9.03 -7.11
N ARG A 78 -7.30 7.73 -7.43
CA ARG A 78 -7.97 7.18 -8.61
C ARG A 78 -7.59 8.00 -9.84
N ASN A 79 -8.52 8.59 -10.56
CA ASN A 79 -8.14 9.35 -11.75
C ASN A 79 -7.97 10.83 -11.45
N ASP A 80 -7.97 11.20 -10.17
CA ASP A 80 -7.83 12.61 -9.83
C ASP A 80 -6.36 12.98 -9.77
N LEU A 81 -5.93 13.89 -10.66
CA LEU A 81 -4.52 14.26 -10.67
C LEU A 81 -4.24 15.64 -10.11
N SER A 82 -5.23 16.27 -9.48
CA SER A 82 -5.00 17.64 -9.00
C SER A 82 -4.12 17.64 -7.76
N PRO A 83 -3.55 18.78 -7.39
CA PRO A 83 -2.72 18.91 -6.18
C PRO A 83 -3.41 18.31 -4.98
N THR A 84 -2.67 17.60 -4.12
CA THR A 84 -3.38 16.77 -3.14
C THR A 84 -2.50 16.47 -1.94
N THR A 85 -3.14 16.32 -0.77
CA THR A 85 -2.42 15.83 0.40
C THR A 85 -3.13 14.64 1.01
N VAL A 86 -4.07 14.02 0.26
CA VAL A 86 -4.84 12.94 0.87
C VAL A 86 -3.94 11.80 1.32
N MET A 87 -3.02 11.36 0.48
CA MET A 87 -2.17 10.22 0.84
C MET A 87 -1.24 10.54 2.00
N SER A 88 -0.60 11.71 1.95
CA SER A 88 0.33 12.02 3.04
C SER A 88 -0.39 12.29 4.35
N GLU A 89 -1.52 13.00 4.32
CA GLU A 89 -2.25 13.19 5.57
C GLU A 89 -2.79 11.87 6.08
N GLY A 90 -3.25 11.00 5.16
CA GLY A 90 -3.69 9.66 5.57
C GLY A 90 -2.54 8.94 6.24
N ALA A 91 -1.36 8.99 5.63
CA ALA A 91 -0.21 8.32 6.24
C ALA A 91 0.14 8.92 7.59
N ARG A 92 0.02 10.23 7.76
CA ARG A 92 0.22 10.82 9.09
C ARG A 92 -0.73 10.21 10.11
N ASN A 93 -2.01 10.09 9.74
CA ASN A 93 -2.94 9.45 10.69
C ASN A 93 -2.58 8.00 10.95
N ILE A 94 -2.19 7.29 9.89
CA ILE A 94 -1.83 5.87 10.07
C ILE A 94 -0.66 5.72 11.02
N VAL A 95 0.40 6.51 10.87
CA VAL A 95 1.56 6.45 11.73
C VAL A 95 1.14 6.73 13.16
N ALA A 96 0.33 7.77 13.35
CA ALA A 96 -0.05 8.11 14.71
C ALA A 96 -0.84 6.96 15.33
N ALA A 97 -1.72 6.34 14.53
CA ALA A 97 -2.53 5.25 15.06
C ALA A 97 -1.66 4.04 15.34
N MET A 98 -0.70 3.76 14.44
CA MET A 98 0.22 2.64 14.72
C MET A 98 0.99 2.83 16.03
N LYS A 99 1.49 4.05 16.24
CA LYS A 99 2.25 4.32 17.47
C LYS A 99 1.35 4.23 18.69
N ALA A 100 0.11 4.69 18.56
CA ALA A 100 -0.84 4.64 19.67
C ALA A 100 -1.17 3.21 20.06
N HIS A 101 -1.08 2.25 19.13
CA HIS A 101 -1.55 0.89 19.32
C HIS A 101 -0.45 -0.15 19.28
N GLY A 102 0.80 0.30 19.18
CA GLY A 102 1.90 -0.66 19.25
C GLY A 102 2.15 -1.44 17.98
N VAL A 103 1.59 -0.98 16.86
CA VAL A 103 1.79 -1.68 15.58
C VAL A 103 3.04 -1.16 14.90
N ASP A 104 3.90 -2.07 14.40
CA ASP A 104 5.21 -1.55 14.01
C ASP A 104 5.64 -1.89 12.60
N LYS A 105 4.72 -2.40 11.77
CA LYS A 105 5.11 -2.80 10.42
C LYS A 105 4.13 -2.21 9.41
N VAL A 106 4.67 -1.45 8.45
CA VAL A 106 3.80 -0.86 7.43
C VAL A 106 4.45 -1.06 6.06
N VAL A 107 3.63 -1.52 5.13
CA VAL A 107 4.11 -1.71 3.75
C VAL A 107 3.27 -0.78 2.90
N ALA A 108 3.86 0.17 2.20
CA ALA A 108 3.04 1.22 1.59
C ALA A 108 3.48 1.47 0.15
N CYS A 109 2.49 1.59 -0.71
CA CYS A 109 2.77 1.79 -2.12
C CYS A 109 2.83 3.28 -2.49
N THR A 110 3.92 3.66 -3.14
CA THR A 110 3.97 4.99 -3.77
C THR A 110 4.14 4.77 -5.26
N SER A 111 5.32 5.02 -5.81
CA SER A 111 5.53 4.83 -7.23
C SER A 111 7.01 4.83 -7.59
N ALA A 112 7.32 4.14 -8.68
CA ALA A 112 8.68 4.05 -9.20
C ALA A 112 9.23 5.44 -9.54
N PHE A 113 8.38 6.44 -9.70
CA PHE A 113 8.92 7.80 -9.92
C PHE A 113 9.83 8.23 -8.79
N LEU A 114 9.64 7.67 -7.60
CA LEU A 114 10.48 8.03 -6.45
C LEU A 114 11.83 7.32 -6.49
N LEU A 115 12.05 6.45 -7.47
CA LEU A 115 13.33 5.82 -7.69
C LEU A 115 13.98 6.31 -8.98
N TRP A 116 13.18 6.64 -9.99
CA TRP A 116 13.69 7.09 -11.28
C TRP A 116 14.17 8.54 -11.23
N ASP A 117 14.82 9.01 -12.29
CA ASP A 117 15.25 10.39 -12.41
C ASP A 117 14.09 11.33 -12.14
N PRO A 118 14.21 12.29 -11.23
CA PRO A 118 13.03 13.01 -10.74
C PRO A 118 12.65 14.15 -11.67
N THR A 119 13.29 14.23 -12.84
CA THR A 119 12.92 15.19 -13.86
C THR A 119 12.23 14.50 -15.04
N LYS A 120 12.04 13.18 -14.93
CA LYS A 120 11.31 12.38 -15.91
C LYS A 120 9.87 12.09 -15.51
N VAL A 121 9.35 12.77 -14.48
CA VAL A 121 7.93 12.59 -14.17
C VAL A 121 7.05 13.33 -15.19
N PRO A 122 6.10 12.64 -15.82
CA PRO A 122 5.20 13.37 -16.72
C PRO A 122 4.48 14.48 -15.98
N PRO A 123 4.39 15.66 -16.57
CA PRO A 123 3.77 16.81 -15.91
C PRO A 123 2.43 16.55 -15.27
N ARG A 124 1.55 15.82 -15.93
CA ARG A 124 0.22 15.61 -15.36
C ARG A 124 0.30 14.78 -14.09
N LEU A 125 1.41 14.07 -13.88
CA LEU A 125 1.51 13.27 -12.66
C LEU A 125 2.35 13.92 -11.56
N GLN A 126 2.83 15.13 -11.79
CA GLN A 126 3.72 15.74 -10.80
C GLN A 126 3.06 16.00 -9.45
N ALA A 127 1.80 16.45 -9.46
CA ALA A 127 1.13 16.77 -8.20
C ALA A 127 0.94 15.54 -7.32
N VAL A 128 0.49 14.45 -7.95
CA VAL A 128 0.31 13.23 -7.17
C VAL A 128 1.67 12.72 -6.68
N THR A 129 2.68 12.80 -7.55
CA THR A 129 4.00 12.36 -7.17
C THR A 129 4.52 13.21 -6.02
N ASP A 130 4.27 14.52 -5.99
CA ASP A 130 4.73 15.34 -4.87
C ASP A 130 4.12 14.83 -3.56
N ASP A 131 2.86 14.38 -3.63
CA ASP A 131 2.25 13.85 -2.40
C ASP A 131 2.76 12.44 -2.10
N HIS A 132 3.07 11.64 -3.12
CA HIS A 132 3.76 10.40 -2.80
C HIS A 132 5.07 10.63 -2.07
N ILE A 133 5.81 11.65 -2.49
CA ILE A 133 7.06 11.98 -1.80
C ILE A 133 6.79 12.42 -0.37
N ARG A 134 5.75 13.24 -0.16
CA ARG A 134 5.42 13.59 1.23
C ARG A 134 5.05 12.35 2.03
N MET A 135 4.28 11.45 1.40
CA MET A 135 3.88 10.25 2.15
C MET A 135 5.10 9.41 2.50
N HIS A 136 6.01 9.29 1.55
CA HIS A 136 7.22 8.48 1.79
C HIS A 136 8.02 9.06 2.92
N LYS A 137 8.14 10.39 2.94
CA LYS A 137 8.87 11.01 4.05
C LYS A 137 8.23 10.71 5.39
N VAL A 138 6.92 10.88 5.48
CA VAL A 138 6.17 10.60 6.70
C VAL A 138 6.49 9.19 7.18
N LEU A 139 6.44 8.23 6.26
CA LEU A 139 6.64 6.83 6.68
C LEU A 139 8.09 6.56 7.00
N ARG A 140 9.01 7.15 6.23
CA ARG A 140 10.38 6.76 6.60
C ARG A 140 10.85 7.48 7.85
N GLU A 141 10.27 8.62 8.20
CA GLU A 141 10.67 9.29 9.44
C GLU A 141 9.95 8.80 10.68
N SER A 142 9.00 7.89 10.52
CA SER A 142 8.14 7.44 11.60
C SER A 142 8.88 6.58 12.62
N GLY A 143 9.99 6.00 12.19
CA GLY A 143 10.63 5.13 13.21
CA GLY A 143 10.81 5.09 12.96
C GLY A 143 9.88 3.82 13.35
C GLY A 143 10.36 3.65 12.78
N LEU A 144 9.13 3.48 12.30
CA LEU A 144 8.48 2.18 12.25
C LEU A 144 9.14 1.31 11.18
N LYS A 145 8.88 0.00 11.21
CA LYS A 145 9.41 -0.85 10.15
C LYS A 145 8.58 -0.62 8.89
N TYR A 146 9.22 -0.01 7.89
CA TYR A 146 8.53 0.49 6.71
C TYR A 146 9.16 -0.12 5.47
N VAL A 147 8.32 -0.79 4.69
CA VAL A 147 8.73 -1.22 3.36
C VAL A 147 8.09 -0.29 2.33
N ALA A 148 8.92 0.42 1.58
CA ALA A 148 8.41 1.34 0.56
C ALA A 148 8.32 0.56 -0.75
N VAL A 149 7.11 0.46 -1.28
CA VAL A 149 6.90 -0.28 -2.53
C VAL A 149 6.66 0.76 -3.61
N MET A 150 7.53 0.73 -4.61
CA MET A 150 7.55 1.79 -5.62
C MET A 150 7.37 1.18 -7.00
N PRO A 151 6.15 0.82 -7.37
CA PRO A 151 5.94 0.09 -8.62
C PRO A 151 5.94 1.00 -9.85
N PRO A 152 6.23 0.41 -10.99
CA PRO A 152 6.05 1.09 -12.28
C PRO A 152 4.58 0.99 -12.67
N HIS A 153 4.29 1.09 -13.97
CA HIS A 153 2.89 1.01 -14.39
C HIS A 153 2.20 -0.24 -13.85
N ILE A 154 1.00 -0.08 -13.31
CA ILE A 154 0.26 -1.23 -12.78
C ILE A 154 -0.69 -1.76 -13.84
N GLY A 155 -0.51 -3.02 -14.22
CA GLY A 155 -1.29 -3.63 -15.29
C GLY A 155 -2.34 -4.60 -14.76
N ASP A 156 -3.01 -5.25 -15.71
CA ASP A 156 -4.09 -6.19 -15.45
C ASP A 156 -3.68 -7.63 -15.76
N GLN A 157 -2.39 -7.87 -15.96
CA GLN A 157 -1.94 -9.22 -16.27
C GLN A 157 -2.25 -10.16 -15.13
N PRO A 158 -2.27 -11.46 -15.40
CA PRO A 158 -2.61 -12.44 -14.35
C PRO A 158 -1.59 -12.45 -13.23
N LEU A 159 -2.03 -12.94 -12.08
CA LEU A 159 -1.10 -13.24 -10.98
C LEU A 159 -0.06 -14.26 -11.41
N THR A 160 1.20 -14.01 -11.13
CA THR A 160 2.25 -14.99 -11.41
C THR A 160 3.06 -15.33 -10.16
N GLY A 161 3.26 -14.40 -9.22
CA GLY A 161 4.20 -14.64 -8.13
C GLY A 161 5.64 -14.81 -8.62
N ALA A 162 5.93 -14.42 -9.86
CA ALA A 162 7.24 -14.73 -10.46
C ALA A 162 8.01 -13.48 -10.85
N TYR A 163 7.53 -12.33 -10.44
CA TYR A 163 8.13 -11.03 -10.71
C TYR A 163 9.48 -10.92 -10.00
N THR A 164 10.23 -9.90 -10.38
CA THR A 164 11.54 -9.60 -9.83
C THR A 164 11.46 -8.36 -8.95
N VAL A 165 12.21 -8.31 -7.85
CA VAL A 165 12.17 -7.15 -6.96
C VAL A 165 13.60 -6.61 -6.86
N THR A 166 13.74 -5.37 -7.33
CA THR A 166 15.05 -4.73 -7.22
C THR A 166 14.98 -3.58 -6.23
N LEU A 167 16.13 -3.02 -5.89
CA LEU A 167 16.14 -1.96 -4.89
C LEU A 167 16.40 -0.58 -5.50
N ASP A 168 16.47 -0.52 -6.83
CA ASP A 168 16.93 0.73 -7.45
C ASP A 168 16.09 1.15 -8.63
N GLY A 169 14.96 0.47 -8.88
CA GLY A 169 14.09 1.00 -9.93
C GLY A 169 14.52 0.58 -11.32
N ARG A 170 15.57 -0.22 -11.41
CA ARG A 170 15.92 -0.90 -12.66
C ARG A 170 15.42 -2.35 -12.56
N GLY A 171 14.92 -2.88 -13.67
CA GLY A 171 14.36 -4.23 -13.60
C GLY A 171 14.01 -4.75 -14.98
N PRO A 172 13.55 -5.99 -15.01
CA PRO A 172 13.21 -6.62 -16.30
C PRO A 172 12.13 -5.85 -17.03
N SER A 173 11.29 -5.02 -16.40
CA SER A 173 10.32 -4.29 -17.21
C SER A 173 9.88 -3.02 -16.49
N ARG A 174 8.97 -2.29 -17.12
CA ARG A 174 8.32 -1.16 -16.44
C ARG A 174 6.85 -1.46 -16.22
N VAL A 175 6.53 -2.71 -15.94
CA VAL A 175 5.15 -3.04 -15.59
C VAL A 175 5.12 -4.09 -14.49
N ILE A 176 4.10 -3.99 -13.65
CA ILE A 176 3.81 -5.03 -12.66
C ILE A 176 2.31 -5.24 -12.67
N SER A 177 1.82 -6.48 -12.69
CA SER A 177 0.38 -6.62 -12.64
C SER A 177 -0.14 -6.23 -11.26
N LYS A 178 -1.35 -5.70 -11.21
CA LYS A 178 -1.95 -5.35 -9.93
C LYS A 178 -1.95 -6.57 -9.02
N HIS A 179 -2.16 -7.76 -9.59
CA HIS A 179 -2.21 -8.97 -8.76
C HIS A 179 -0.84 -9.30 -8.18
N ASP A 180 0.19 -9.19 -9.03
CA ASP A 180 1.56 -9.40 -8.55
C ASP A 180 2.00 -8.34 -7.53
N LEU A 181 1.57 -7.10 -7.74
CA LEU A 181 1.89 -6.05 -6.76
C LEU A 181 1.26 -6.41 -5.43
N GLY A 182 0.01 -6.85 -5.44
CA GLY A 182 -0.63 -7.27 -4.17
C GLY A 182 0.09 -8.44 -3.53
N HIS A 183 0.46 -9.43 -4.33
CA HIS A 183 1.22 -10.57 -3.83
C HIS A 183 2.52 -10.13 -3.18
N PHE A 184 3.17 -9.12 -3.79
CA PHE A 184 4.41 -8.65 -3.20
C PHE A 184 4.16 -7.93 -1.88
N MET A 185 3.10 -7.10 -1.83
CA MET A 185 2.85 -6.44 -0.54
C MET A 185 2.62 -7.46 0.55
N LEU A 186 1.97 -8.60 0.22
CA LEU A 186 1.81 -9.63 1.25
C LEU A 186 3.13 -10.33 1.54
N ARG A 187 3.98 -10.50 0.52
CA ARG A 187 5.29 -11.12 0.78
C ARG A 187 6.05 -10.31 1.82
N CYS A 188 5.88 -8.99 1.77
CA CYS A 188 6.63 -8.12 2.68
C CYS A 188 6.21 -8.30 4.12
N LEU A 189 5.06 -8.95 4.33
CA LEU A 189 4.64 -9.22 5.70
C LEU A 189 5.40 -10.38 6.34
N THR A 190 6.13 -11.19 5.56
CA THR A 190 6.71 -12.39 6.18
C THR A 190 8.22 -12.37 6.07
N THR A 191 8.76 -11.21 5.69
CA THR A 191 10.21 -11.06 5.71
C THR A 191 10.57 -9.68 6.25
N ASP A 192 11.73 -9.55 6.91
CA ASP A 192 12.20 -8.20 7.21
C ASP A 192 13.21 -7.73 6.17
N GLU A 193 13.44 -8.49 5.10
CA GLU A 193 14.59 -8.16 4.24
C GLU A 193 14.46 -6.83 3.52
N TYR A 194 13.23 -6.33 3.39
CA TYR A 194 13.01 -5.05 2.76
C TYR A 194 12.71 -3.92 3.75
N ASP A 195 12.67 -4.19 5.05
CA ASP A 195 12.42 -3.09 5.98
C ASP A 195 13.50 -2.02 5.80
N GLY A 196 13.04 -0.77 5.69
CA GLY A 196 13.94 0.37 5.60
C GLY A 196 14.45 0.56 4.19
N HIS A 197 13.94 -0.21 3.23
CA HIS A 197 14.35 -0.10 1.85
C HIS A 197 13.22 0.33 0.91
N SER A 198 13.61 0.74 -0.29
CA SER A 198 12.67 1.00 -1.38
C SER A 198 12.76 -0.16 -2.36
N THR A 199 11.61 -0.60 -2.85
CA THR A 199 11.56 -1.81 -3.65
C THR A 199 10.80 -1.55 -4.95
N TYR A 200 11.25 -2.23 -6.00
CA TYR A 200 10.74 -2.03 -7.35
C TYR A 200 10.37 -3.40 -7.91
N PRO A 201 9.10 -3.77 -7.80
CA PRO A 201 8.65 -5.05 -8.39
C PRO A 201 8.30 -4.86 -9.86
N SER A 202 8.76 -5.78 -10.70
CA SER A 202 8.42 -5.71 -12.12
C SER A 202 8.57 -7.10 -12.75
N HIS A 203 7.97 -7.24 -13.93
CA HIS A 203 7.97 -8.53 -14.59
C HIS A 203 7.69 -8.37 -16.09
N GLN A 204 8.25 -9.27 -16.88
CA GLN A 204 7.84 -9.39 -18.28
C GLN A 204 6.78 -10.50 -18.43
N TYR A 205 5.57 -10.07 -18.76
CA TYR A 205 4.41 -10.94 -18.87
C TYR A 205 4.31 -11.53 -20.28
#